data_6BER
#
_entry.id   6BER
#
_entity_poly.entity_id   1
_entity_poly.type   'polypeptide(D)'
_entity_poly.pdbx_seq_one_letter_code
;E(DVA)DP(DGL)(DHI)(DPR)N(DAL)(DPR)
;
_entity_poly.pdbx_strand_id   A
#
# COMPACT_ATOMS: atom_id res chain seq x y z
N GLU A 1 1.73 3.29 -3.47
CA GLU A 1 3.05 3.00 -3.98
C GLU A 1 3.45 1.57 -3.63
N ASP A 3 1.28 -0.56 -0.74
CA ASP A 3 0.74 -0.73 0.60
C ASP A 3 0.84 -2.14 1.18
N PRO A 4 1.68 -2.40 2.18
CA PRO A 4 1.75 -3.65 2.92
C PRO A 4 0.38 -4.17 3.34
N ASN A 8 -4.98 0.24 0.09
CA ASN A 8 -5.64 0.56 -1.16
C ASN A 8 -4.74 0.52 -2.39
N GLU A 1 1.34 2.80 -3.71
CA GLU A 1 2.78 2.67 -3.58
C GLU A 1 3.20 1.74 -2.47
N ASP A 3 1.85 -0.37 0.16
CA ASP A 3 1.38 -0.40 1.53
C ASP A 3 1.04 -1.83 1.93
N PRO A 4 1.52 -2.27 3.10
CA PRO A 4 1.76 -3.68 3.34
C PRO A 4 0.48 -4.50 3.33
N ASN A 8 -5.30 0.64 0.54
CA ASN A 8 -5.98 1.23 -0.59
C ASN A 8 -5.63 0.77 -2.00
N GLU A 1 1.68 2.98 -3.86
CA GLU A 1 3.09 2.69 -3.96
C GLU A 1 3.37 1.28 -3.44
N ASP A 3 0.84 -0.53 -0.41
CA ASP A 3 0.46 -0.40 0.97
C ASP A 3 0.48 -1.71 1.74
N PRO A 4 0.69 -1.79 3.04
CA PRO A 4 1.13 -3.09 3.55
C PRO A 4 0.01 -4.14 3.59
N ASN A 8 -4.51 0.32 0.70
CA ASN A 8 -4.72 1.52 -0.08
C ASN A 8 -3.92 1.41 -1.37
N GLU A 1 1.11 3.01 -3.87
CA GLU A 1 2.49 2.97 -3.42
C GLU A 1 2.98 1.56 -3.16
N ASP A 3 1.27 -0.64 -0.32
CA ASP A 3 0.95 -0.47 1.09
C ASP A 3 0.76 -1.84 1.72
N PRO A 4 1.09 -2.09 2.99
CA PRO A 4 1.22 -3.40 3.59
C PRO A 4 -0.11 -4.13 3.50
N ASN A 8 -4.28 0.54 0.80
CA ASN A 8 -4.54 1.63 -0.13
C ASN A 8 -4.04 1.37 -1.54
N GLU A 1 1.11 2.78 -4.29
CA GLU A 1 2.56 2.83 -4.11
C GLU A 1 3.16 1.56 -3.52
N ASP A 3 1.66 -0.37 -0.43
CA ASP A 3 1.32 -0.40 0.98
C ASP A 3 1.10 -1.85 1.38
N PRO A 4 1.48 -2.30 2.59
CA PRO A 4 1.40 -3.64 3.13
C PRO A 4 0.04 -4.22 3.49
N ASN A 8 -4.86 0.45 0.19
CA ASN A 8 -5.60 0.93 -0.95
C ASN A 8 -4.96 0.44 -2.24
N GLU A 1 1.67 3.14 -3.97
CA GLU A 1 3.05 2.72 -4.12
C GLU A 1 3.43 1.36 -3.53
N ASP A 3 1.54 -0.27 -0.33
CA ASP A 3 0.89 -0.24 0.98
C ASP A 3 0.71 -1.63 1.55
N PRO A 4 1.10 -1.84 2.81
CA PRO A 4 1.28 -3.16 3.40
C PRO A 4 0.06 -4.06 3.29
N ASN A 8 -4.61 0.27 0.69
CA ASN A 8 -4.95 1.39 -0.15
C ASN A 8 -4.42 1.27 -1.57
N GLU A 1 1.01 3.06 -3.24
CA GLU A 1 2.42 2.89 -2.99
C GLU A 1 2.84 1.45 -2.70
N ASP A 3 1.68 -0.39 0.24
CA ASP A 3 1.61 -0.61 1.67
C ASP A 3 1.44 -2.07 2.01
N PRO A 4 2.34 -2.71 2.78
CA PRO A 4 2.24 -4.10 3.15
C PRO A 4 0.86 -4.58 3.59
N ASN A 8 -4.73 0.78 -0.03
CA ASN A 8 -5.54 1.23 -1.15
C ASN A 8 -4.91 0.99 -2.50
N GLU A 1 1.85 3.09 -4.31
CA GLU A 1 3.16 2.47 -4.23
C GLU A 1 3.31 1.07 -3.63
N ASP A 3 0.96 -0.04 -0.33
CA ASP A 3 0.42 -0.01 1.02
C ASP A 3 0.27 -1.38 1.67
N PRO A 4 0.76 -1.65 2.88
CA PRO A 4 1.14 -2.96 3.38
C PRO A 4 -0.04 -3.88 3.60
N ASN A 8 -4.33 0.10 1.02
CA ASN A 8 -4.66 1.23 0.17
C ASN A 8 -4.04 1.24 -1.21
N GLU A 1 1.63 2.86 -3.66
CA GLU A 1 3.01 2.42 -3.53
C GLU A 1 3.24 1.25 -2.60
N ASP A 3 1.42 -0.24 -0.29
CA ASP A 3 0.79 -0.13 1.01
C ASP A 3 0.69 -1.54 1.59
N PRO A 4 1.28 -1.87 2.73
CA PRO A 4 1.60 -3.19 3.23
C PRO A 4 0.33 -4.01 3.44
N ASN A 8 -4.90 0.45 0.57
CA ASN A 8 -5.64 1.26 -0.38
C ASN A 8 -4.82 1.55 -1.64
N GLU A 1 1.42 3.00 -3.47
CA GLU A 1 2.82 2.78 -3.22
C GLU A 1 3.13 1.29 -3.14
N ASP A 3 1.17 -0.50 -0.15
CA ASP A 3 0.82 -0.41 1.26
C ASP A 3 0.77 -1.81 1.82
N PRO A 4 1.57 -2.15 2.83
CA PRO A 4 1.82 -3.54 3.16
C PRO A 4 0.60 -4.32 3.62
N ASN A 8 -4.74 0.54 0.30
CA ASN A 8 -5.51 1.09 -0.78
C ASN A 8 -4.72 0.99 -2.07
N GLU A 1 1.46 2.98 -3.65
CA GLU A 1 2.86 2.65 -3.75
C GLU A 1 3.22 1.20 -3.45
N ASP A 3 1.21 -0.58 -0.42
CA ASP A 3 1.06 -0.56 1.04
C ASP A 3 0.98 -1.90 1.74
N PRO A 4 1.43 -1.97 3.00
CA PRO A 4 1.46 -3.24 3.69
C PRO A 4 0.15 -4.01 3.79
N ASN A 8 -4.85 0.41 0.63
CA ASN A 8 -5.24 1.27 -0.46
C ASN A 8 -4.77 0.74 -1.80
N GLU A 1 1.34 2.90 -3.91
CA GLU A 1 2.79 2.88 -3.90
C GLU A 1 3.27 1.49 -3.52
N ASP A 3 1.20 -0.38 -0.52
CA ASP A 3 0.78 -0.59 0.85
C ASP A 3 1.02 -2.00 1.35
N PRO A 4 1.49 -2.26 2.58
CA PRO A 4 1.68 -3.58 3.14
C PRO A 4 0.35 -4.27 3.36
N ASN A 8 -4.76 0.39 -0.01
CA ASN A 8 -5.50 0.70 -1.20
C ASN A 8 -4.65 0.53 -2.45
N GLU A 1 1.63 3.26 -3.99
CA GLU A 1 3.05 2.97 -3.99
C GLU A 1 3.37 1.50 -3.75
N ASP A 3 1.35 -0.47 -0.63
CA ASP A 3 0.80 -0.68 0.70
C ASP A 3 0.94 -2.13 1.14
N PRO A 4 1.57 -2.32 2.32
CA PRO A 4 1.72 -3.63 2.90
C PRO A 4 0.37 -4.19 3.33
N ASN A 8 -4.82 0.58 0.27
CA ASN A 8 -5.41 1.17 -0.91
C ASN A 8 -4.50 1.01 -2.13
N GLU A 1 1.61 3.13 -3.95
CA GLU A 1 3.03 2.86 -4.12
C GLU A 1 3.50 1.66 -3.34
N ASP A 3 1.25 -0.14 -0.20
CA ASP A 3 0.66 -0.43 1.08
C ASP A 3 0.87 -1.89 1.47
N PRO A 4 1.40 -2.16 2.66
CA PRO A 4 1.60 -3.51 3.15
C PRO A 4 0.27 -4.25 3.21
N ASN A 8 -4.78 0.33 0.43
CA ASN A 8 -5.43 0.94 -0.72
C ASN A 8 -4.45 1.05 -1.88
N GLU A 1 1.44 2.99 -3.81
CA GLU A 1 2.88 3.00 -3.72
C GLU A 1 3.51 1.73 -3.14
N ASP A 3 1.25 -0.28 -0.40
CA ASP A 3 0.73 -0.42 0.95
C ASP A 3 0.77 -1.85 1.44
N PRO A 4 1.19 -2.05 2.69
CA PRO A 4 1.39 -3.40 3.18
C PRO A 4 0.09 -4.18 3.34
N ASN A 8 -4.51 0.47 0.53
CA ASN A 8 -5.13 1.16 -0.59
C ASN A 8 -4.46 1.03 -1.94
N GLU A 1 1.51 3.00 -4.02
CA GLU A 1 2.90 2.69 -3.71
C GLU A 1 3.03 1.68 -2.58
N ASP A 3 0.92 -0.37 -0.09
CA ASP A 3 0.66 -0.47 1.34
C ASP A 3 0.72 -1.90 1.85
N PRO A 4 1.10 -2.11 3.11
CA PRO A 4 1.24 -3.44 3.70
C PRO A 4 0.06 -4.39 3.52
N ASN A 8 -4.63 0.40 0.59
CA ASN A 8 -5.19 1.30 -0.40
C ASN A 8 -4.51 1.27 -1.76
N GLU A 1 1.11 3.02 -3.40
CA GLU A 1 2.54 2.98 -3.09
C GLU A 1 3.01 1.53 -2.97
N ASP A 3 1.19 -0.74 -0.36
CA ASP A 3 0.94 -0.79 1.08
C ASP A 3 1.08 -2.19 1.63
N PRO A 4 1.52 -2.35 2.89
CA PRO A 4 1.49 -3.57 3.66
C PRO A 4 0.17 -4.31 3.78
N ASN A 8 -4.70 0.64 0.48
CA ASN A 8 -5.35 1.37 -0.59
C ASN A 8 -4.83 1.11 -2.00
N GLU A 1 1.63 3.02 -3.82
CA GLU A 1 3.05 2.72 -3.83
C GLU A 1 3.35 1.33 -3.31
N ASP A 3 1.27 -0.42 -0.09
CA ASP A 3 0.85 -0.56 1.29
C ASP A 3 0.94 -1.97 1.84
N PRO A 4 1.42 -2.17 3.06
CA PRO A 4 1.61 -3.50 3.57
C PRO A 4 0.40 -4.43 3.61
N ASN A 8 -5.01 0.36 0.46
CA ASN A 8 -5.74 1.13 -0.52
C ASN A 8 -5.08 1.19 -1.88
N GLU A 1 1.53 3.05 -3.35
CA GLU A 1 2.94 2.74 -3.37
C GLU A 1 3.26 1.44 -2.64
N ASP A 3 1.76 -0.57 -0.47
CA ASP A 3 1.36 -0.55 0.92
C ASP A 3 1.30 -1.96 1.50
N PRO A 4 2.07 -2.28 2.55
CA PRO A 4 2.08 -3.60 3.17
C PRO A 4 0.70 -4.03 3.63
N ASN A 8 -5.50 0.46 0.49
CA ASN A 8 -5.92 1.33 -0.58
C ASN A 8 -5.02 1.21 -1.81
N GLU A 1 2.01 3.10 -3.28
CA GLU A 1 3.02 2.41 -4.05
C GLU A 1 3.21 0.91 -3.89
N ASP A 3 1.33 -0.70 -0.60
CA ASP A 3 1.30 -0.40 0.82
C ASP A 3 1.18 -1.74 1.54
N PRO A 4 2.19 -2.22 2.26
CA PRO A 4 2.20 -3.52 2.91
C PRO A 4 0.96 -3.96 3.69
N ASN A 8 -5.80 0.17 0.01
CA ASN A 8 -6.12 0.87 -1.23
C ASN A 8 -5.09 0.69 -2.34
#